data_6NFX
#
_entry.id   6NFX
#
_cell.length_a   68.607
_cell.length_b   124.724
_cell.length_c   70.057
_cell.angle_alpha   90.000
_cell.angle_beta   92.880
_cell.angle_gamma   90.000
#
_symmetry.space_group_name_H-M   'C 1 2 1'
#
loop_
_entity.id
_entity.type
_entity.pdbx_description
1 polymer 'MBT domain-containing protein 1,Enhancer of polycomb homolog 1'
2 non-polymer 'UNKNOWN ATOM OR ION'
3 non-polymer 'SODIUM ION'
4 non-polymer GLYCEROL
5 water water
#
_entity_poly.entity_id   1
_entity_poly.type   'polypeptide(L)'
_entity_poly.pdbx_seq_one_letter_code
;GGFSWGNYINSNSFIAAPVTCFKHAPMGTCWGDISENVRVEVPNTDCSLPTKVFWIAGIVKLAGYNALLRYEGFENDSGL
DFWCNICGSDIHPVGWCAASGKPLVPPRTIQHKYTNWKAFLVKRLTGAKTLPPDFSQKVSESMQYPFKPCMRVEVVDKRH
LCRTRVAVVESVIGGRLRLVYEESEDRTDDFWCHMHSPLIHHIGWSRSIGHRFKRSDITKKQDGHFDTPPHLFAKVKEVD
QSGEWFKEGMKLEAIDPLNLSTICVATIRKVLADGFLMIGIDGSEAADGSDWFCYHATSPSIFPVGFCEINMIELTPPRG
YTKLPFKWFDYLRETGSIAAPVKLFNKDVPNHGFRVGMKLEAVDLMEPRLICVATVTRIIHRLLRIHFDGWEEEYDQWVD
CESPDLYPVGWCQLTGYQLQPPASGSAGSAGSAGSAGSAGSAQGFVSKTLDSASAQFAASALVTSEQLMG
;
_entity_poly.pdbx_strand_id   A
#
loop_
_chem_comp.id
_chem_comp.type
_chem_comp.name
_chem_comp.formula
GOL non-polymer GLYCEROL 'C3 H8 O3'
NA non-polymer 'SODIUM ION' 'Na 1'
UNX non-polymer 'UNKNOWN ATOM OR ION' ?
#
# COMPACT_ATOMS: atom_id res chain seq x y z
N PHE A 3 -17.07 -10.95 -5.73
CA PHE A 3 -16.59 -9.58 -6.11
C PHE A 3 -15.42 -9.66 -7.10
N SER A 4 -15.48 -8.81 -8.12
CA SER A 4 -14.44 -8.72 -9.17
C SER A 4 -14.05 -7.25 -9.32
N TRP A 5 -12.81 -6.89 -9.05
CA TRP A 5 -12.35 -5.51 -9.28
C TRP A 5 -12.63 -5.07 -10.71
N GLY A 6 -12.31 -5.93 -11.69
CA GLY A 6 -12.43 -5.61 -13.13
C GLY A 6 -13.85 -5.17 -13.49
N ASN A 7 -14.85 -5.92 -13.02
CA ASN A 7 -16.30 -5.70 -13.29
C ASN A 7 -16.77 -4.44 -12.55
N TYR A 8 -16.35 -4.29 -11.29
CA TYR A 8 -16.64 -3.06 -10.50
C TYR A 8 -16.08 -1.85 -11.25
N ILE A 9 -14.84 -1.95 -11.73
CA ILE A 9 -14.20 -0.79 -12.39
C ILE A 9 -14.89 -0.56 -13.75
N ASN A 10 -15.16 -1.61 -14.51
CA ASN A 10 -15.72 -1.46 -15.89
C ASN A 10 -17.15 -0.95 -15.80
N SER A 11 -17.96 -1.51 -14.90
CA SER A 11 -19.38 -1.09 -14.71
C SER A 11 -19.50 0.37 -14.29
N ASN A 12 -18.54 0.91 -13.54
CA ASN A 12 -18.72 2.24 -12.90
C ASN A 12 -17.79 3.28 -13.55
N SER A 13 -16.98 2.88 -14.53
CA SER A 13 -15.96 3.76 -15.18
C SER A 13 -15.00 4.31 -14.11
N PHE A 14 -14.61 3.50 -13.13
CA PHE A 14 -13.69 3.93 -12.05
C PHE A 14 -12.27 3.98 -12.61
N ILE A 15 -11.41 4.77 -11.96
CA ILE A 15 -9.94 4.77 -12.13
C ILE A 15 -9.29 4.23 -10.85
N ALA A 16 -8.24 3.43 -11.01
CA ALA A 16 -7.40 2.85 -9.93
C ALA A 16 -6.09 3.63 -9.84
N ALA A 17 -5.55 3.80 -8.64
CA ALA A 17 -4.19 4.36 -8.44
C ALA A 17 -3.17 3.40 -9.06
N PRO A 18 -2.31 3.87 -9.99
CA PRO A 18 -1.24 3.04 -10.54
C PRO A 18 -0.33 2.51 -9.44
N VAL A 19 0.31 1.39 -9.74
CA VAL A 19 1.26 0.67 -8.84
C VAL A 19 2.35 1.64 -8.41
N THR A 20 2.78 2.51 -9.33
CA THR A 20 3.90 3.45 -9.08
C THR A 20 3.52 4.51 -8.05
N CYS A 21 2.24 4.69 -7.71
CA CYS A 21 1.83 5.65 -6.66
C CYS A 21 2.30 5.17 -5.29
N PHE A 22 2.57 3.89 -5.14
CA PHE A 22 2.72 3.21 -3.83
C PHE A 22 4.20 2.94 -3.53
N LYS A 23 4.82 3.77 -2.65
CA LYS A 23 6.26 3.70 -2.24
C LYS A 23 6.68 2.26 -1.91
N HIS A 24 5.84 1.47 -1.25
CA HIS A 24 6.18 0.15 -0.62
C HIS A 24 5.61 -1.02 -1.45
N ALA A 25 4.95 -0.76 -2.57
CA ALA A 25 4.24 -1.83 -3.31
C ALA A 25 5.24 -2.76 -4.00
N PRO A 26 5.01 -4.09 -4.00
CA PRO A 26 5.73 -5.01 -4.89
C PRO A 26 5.74 -4.55 -6.36
N MET A 27 6.94 -4.49 -6.95
CA MET A 27 7.28 -4.05 -8.33
C MET A 27 7.07 -2.53 -8.51
N GLY A 28 6.76 -1.75 -7.48
CA GLY A 28 6.64 -0.28 -7.60
C GLY A 28 7.77 0.32 -8.42
N THR A 29 9.00 -0.14 -8.19
CA THR A 29 10.27 0.38 -8.75
C THR A 29 10.67 -0.41 -10.00
N CYS A 30 9.76 -1.18 -10.63
CA CYS A 30 10.04 -1.96 -11.87
C CYS A 30 8.81 -1.87 -12.77
N TRP A 31 8.08 -0.77 -12.67
CA TRP A 31 6.73 -0.66 -13.27
C TRP A 31 6.78 0.20 -14.52
N GLY A 32 7.97 0.73 -14.83
CA GLY A 32 8.19 1.57 -16.01
C GLY A 32 7.81 0.84 -17.27
N ASP A 33 8.02 -0.48 -17.33
CA ASP A 33 7.72 -1.31 -18.53
C ASP A 33 6.21 -1.54 -18.72
N ILE A 34 5.34 -1.22 -17.75
CA ILE A 34 3.92 -1.67 -17.78
C ILE A 34 3.05 -0.48 -18.14
N SER A 35 2.37 -0.51 -19.28
CA SER A 35 1.43 0.56 -19.67
C SER A 35 0.45 -0.02 -20.68
N GLU A 36 -0.55 0.78 -21.06
CA GLU A 36 -1.52 0.44 -22.12
C GLU A 36 -0.72 0.12 -23.39
N ASN A 37 -1.16 -0.85 -24.20
CA ASN A 37 -0.57 -1.26 -25.50
C ASN A 37 0.65 -2.18 -25.36
N VAL A 38 1.18 -2.40 -24.15
CA VAL A 38 2.12 -3.52 -23.90
C VAL A 38 1.40 -4.79 -24.39
N ARG A 39 2.13 -5.68 -25.03
CA ARG A 39 1.60 -6.95 -25.59
C ARG A 39 2.24 -8.05 -24.78
N VAL A 40 1.47 -9.11 -24.54
CA VAL A 40 1.86 -10.31 -23.76
C VAL A 40 1.36 -11.54 -24.51
N GLU A 41 1.91 -12.69 -24.14
CA GLU A 41 1.40 -14.01 -24.54
C GLU A 41 0.66 -14.57 -23.33
N VAL A 42 -0.55 -15.05 -23.61
CA VAL A 42 -1.52 -15.48 -22.55
C VAL A 42 -2.30 -16.65 -23.15
N PRO A 43 -2.89 -17.51 -22.30
CA PRO A 43 -3.68 -18.62 -22.81
C PRO A 43 -4.84 -18.10 -23.67
N ASN A 44 -5.10 -18.81 -24.75
CA ASN A 44 -6.21 -18.55 -25.66
C ASN A 44 -7.37 -19.38 -25.12
N THR A 45 -8.33 -18.76 -24.44
CA THR A 45 -9.54 -19.46 -23.93
C THR A 45 -10.62 -19.53 -25.02
N ASP A 46 -10.41 -18.91 -26.20
CA ASP A 46 -11.39 -18.91 -27.31
C ASP A 46 -11.03 -20.03 -28.30
N CYS A 47 -11.04 -21.26 -27.82
CA CYS A 47 -10.52 -22.49 -28.49
C CYS A 47 -11.29 -23.68 -27.91
N SER A 48 -11.62 -24.71 -28.69
CA SER A 48 -12.09 -26.01 -28.13
C SER A 48 -11.07 -27.07 -28.54
N LEU A 49 -9.85 -26.96 -28.04
CA LEU A 49 -8.75 -27.90 -28.38
C LEU A 49 -8.45 -28.74 -27.16
N PRO A 50 -8.02 -30.01 -27.33
CA PRO A 50 -7.66 -30.86 -26.19
C PRO A 50 -6.66 -30.18 -25.25
N THR A 51 -5.68 -29.45 -25.81
CA THR A 51 -4.51 -28.90 -25.08
C THR A 51 -4.62 -27.39 -24.86
N LYS A 52 -3.83 -26.86 -23.93
CA LYS A 52 -3.74 -25.41 -23.65
C LYS A 52 -2.93 -24.73 -24.77
N VAL A 53 -3.47 -23.66 -25.38
CA VAL A 53 -2.79 -22.90 -26.47
C VAL A 53 -2.77 -21.42 -26.10
N PHE A 54 -1.99 -20.62 -26.81
CA PHE A 54 -1.73 -19.22 -26.41
C PHE A 54 -2.05 -18.29 -27.57
N TRP A 55 -2.22 -17.02 -27.24
CA TRP A 55 -2.26 -15.95 -28.26
C TRP A 55 -1.66 -14.68 -27.68
N ILE A 56 -1.51 -13.65 -28.52
CA ILE A 56 -1.04 -12.30 -28.15
C ILE A 56 -2.26 -11.50 -27.67
N ALA A 57 -2.10 -10.71 -26.63
CA ALA A 57 -3.11 -9.75 -26.19
C ALA A 57 -2.39 -8.46 -25.82
N GLY A 58 -3.10 -7.35 -25.98
CA GLY A 58 -2.64 -5.99 -25.64
C GLY A 58 -3.42 -5.46 -24.45
N ILE A 59 -2.80 -4.60 -23.66
CA ILE A 59 -3.40 -4.00 -22.44
C ILE A 59 -4.27 -2.84 -22.93
N VAL A 60 -5.58 -2.97 -22.77
CA VAL A 60 -6.60 -1.94 -23.11
C VAL A 60 -6.65 -0.94 -21.93
N LYS A 61 -6.53 -1.45 -20.70
CA LYS A 61 -6.74 -0.70 -19.44
C LYS A 61 -5.89 -1.35 -18.35
N LEU A 62 -5.29 -0.54 -17.48
CA LEU A 62 -4.53 -0.97 -16.29
C LEU A 62 -5.25 -0.46 -15.04
N ALA A 63 -5.46 -1.33 -14.08
CA ALA A 63 -6.05 -0.98 -12.78
C ALA A 63 -5.18 -1.61 -11.69
N GLY A 64 -4.22 -0.83 -11.17
CA GLY A 64 -3.14 -1.39 -10.34
C GLY A 64 -2.42 -2.51 -11.08
N TYR A 65 -2.33 -3.68 -10.45
CA TYR A 65 -1.73 -4.91 -11.02
C TYR A 65 -2.66 -5.58 -12.06
N ASN A 66 -3.92 -5.16 -12.14
CA ASN A 66 -4.92 -5.82 -13.02
C ASN A 66 -4.93 -5.14 -14.39
N ALA A 67 -4.90 -5.94 -15.43
CA ALA A 67 -4.90 -5.48 -16.83
C ALA A 67 -6.13 -6.04 -17.54
N LEU A 68 -6.83 -5.18 -18.26
CA LEU A 68 -7.88 -5.59 -19.21
C LEU A 68 -7.18 -5.90 -20.54
N LEU A 69 -7.23 -7.16 -20.99
CA LEU A 69 -6.52 -7.63 -22.21
C LEU A 69 -7.48 -7.83 -23.38
N ARG A 70 -7.02 -7.48 -24.59
CA ARG A 70 -7.74 -7.76 -25.84
C ARG A 70 -6.84 -8.60 -26.73
N TYR A 71 -7.30 -9.80 -27.14
CA TYR A 71 -6.58 -10.65 -28.11
C TYR A 71 -6.23 -9.83 -29.35
N GLU A 72 -5.00 -10.03 -29.85
CA GLU A 72 -4.52 -9.36 -31.09
C GLU A 72 -5.36 -9.77 -32.30
N GLY A 73 -5.87 -8.80 -33.06
CA GLY A 73 -6.71 -9.04 -34.25
C GLY A 73 -8.17 -8.74 -33.99
N PHE A 74 -8.58 -8.57 -32.72
CA PHE A 74 -9.95 -8.06 -32.42
C PHE A 74 -10.08 -6.58 -32.76
N GLU A 75 -8.97 -5.83 -32.82
CA GLU A 75 -8.92 -4.38 -33.17
C GLU A 75 -9.81 -3.61 -32.17
N ASN A 76 -10.99 -3.13 -32.58
CA ASN A 76 -11.88 -2.32 -31.69
C ASN A 76 -12.96 -3.19 -31.06
N ASP A 77 -13.03 -4.48 -31.40
CA ASP A 77 -14.05 -5.42 -30.89
C ASP A 77 -13.70 -5.84 -29.45
N SER A 78 -14.49 -5.36 -28.48
CA SER A 78 -14.24 -5.52 -27.03
C SER A 78 -14.97 -6.74 -26.51
N GLY A 79 -15.68 -7.48 -27.35
CA GLY A 79 -16.60 -8.55 -26.90
C GLY A 79 -15.90 -9.64 -26.11
N LEU A 80 -14.61 -9.89 -26.31
CA LEU A 80 -13.93 -10.94 -25.52
C LEU A 80 -12.80 -10.33 -24.70
N ASP A 81 -12.91 -9.05 -24.34
CA ASP A 81 -11.93 -8.39 -23.44
C ASP A 81 -11.97 -9.13 -22.09
N PHE A 82 -10.84 -9.42 -21.46
CA PHE A 82 -10.80 -10.18 -20.19
C PHE A 82 -9.76 -9.54 -19.24
N TRP A 83 -10.02 -9.63 -17.94
CA TRP A 83 -9.17 -9.10 -16.86
C TRP A 83 -8.19 -10.18 -16.45
N CYS A 84 -6.95 -9.82 -16.16
CA CYS A 84 -5.97 -10.73 -15.55
C CYS A 84 -5.14 -9.90 -14.54
N ASN A 85 -4.41 -10.56 -13.68
CA ASN A 85 -3.36 -9.90 -12.88
C ASN A 85 -2.10 -9.93 -13.76
N ILE A 86 -1.50 -8.80 -14.10
CA ILE A 86 -0.37 -8.77 -15.10
C ILE A 86 0.84 -9.51 -14.54
N CYS A 87 0.90 -9.71 -13.21
CA CYS A 87 1.99 -10.44 -12.52
C CYS A 87 1.65 -11.92 -12.34
N GLY A 88 0.57 -12.42 -12.97
CA GLY A 88 0.20 -13.84 -12.87
C GLY A 88 1.14 -14.74 -13.67
N SER A 89 1.18 -16.02 -13.35
CA SER A 89 2.18 -16.94 -13.91
C SER A 89 1.77 -17.34 -15.33
N ASP A 90 0.54 -17.09 -15.75
CA ASP A 90 0.10 -17.42 -17.13
C ASP A 90 0.34 -16.21 -18.07
N ILE A 91 0.98 -15.14 -17.59
CA ILE A 91 1.28 -13.95 -18.41
C ILE A 91 2.75 -14.06 -18.83
N HIS A 92 3.04 -14.02 -20.12
CA HIS A 92 4.42 -14.22 -20.62
C HIS A 92 4.77 -13.07 -21.55
N PRO A 93 6.07 -12.77 -21.69
CA PRO A 93 6.54 -11.87 -22.73
C PRO A 93 6.30 -12.51 -24.10
N VAL A 94 6.19 -11.66 -25.12
CA VAL A 94 6.14 -12.10 -26.53
C VAL A 94 7.45 -12.84 -26.85
N GLY A 95 7.37 -13.99 -27.51
CA GLY A 95 8.53 -14.84 -27.76
C GLY A 95 8.56 -16.02 -26.83
N TRP A 96 7.78 -15.99 -25.77
CA TRP A 96 7.82 -17.10 -24.77
C TRP A 96 7.36 -18.41 -25.43
N CYS A 97 6.32 -18.37 -26.26
CA CYS A 97 5.82 -19.58 -26.94
C CYS A 97 6.92 -20.19 -27.81
N ALA A 98 7.54 -19.39 -28.68
CA ALA A 98 8.58 -19.91 -29.58
C ALA A 98 9.76 -20.45 -28.73
N ALA A 99 10.16 -19.72 -27.70
CA ALA A 99 11.23 -20.12 -26.77
C ALA A 99 10.87 -21.45 -26.11
N SER A 100 9.60 -21.72 -25.84
CA SER A 100 9.16 -22.81 -24.92
C SER A 100 8.58 -23.98 -25.69
N GLY A 101 8.50 -23.90 -27.01
CA GLY A 101 7.84 -24.89 -27.88
C GLY A 101 6.33 -24.98 -27.63
N LYS A 102 5.66 -23.86 -27.32
CA LYS A 102 4.18 -23.87 -27.15
C LYS A 102 3.55 -23.24 -28.37
N PRO A 103 2.28 -23.57 -28.66
CA PRO A 103 1.59 -23.04 -29.84
C PRO A 103 0.87 -21.70 -29.59
N LEU A 104 1.02 -20.80 -30.55
CA LEU A 104 0.15 -19.63 -30.79
C LEU A 104 -0.95 -20.02 -31.78
N VAL A 105 -2.20 -19.95 -31.33
CA VAL A 105 -3.37 -20.37 -32.13
C VAL A 105 -4.34 -19.21 -32.13
N PRO A 106 -4.84 -18.78 -33.32
CA PRO A 106 -5.80 -17.69 -33.40
C PRO A 106 -7.03 -18.00 -32.56
N PRO A 107 -7.57 -17.02 -31.81
CA PRO A 107 -8.89 -17.17 -31.25
C PRO A 107 -9.89 -17.55 -32.36
N ARG A 108 -10.74 -18.50 -32.01
CA ARG A 108 -11.77 -19.08 -32.92
C ARG A 108 -12.61 -17.96 -33.53
N THR A 109 -12.99 -16.98 -32.73
CA THR A 109 -13.83 -15.85 -33.13
C THR A 109 -13.25 -15.16 -34.37
N ILE A 110 -11.91 -15.08 -34.51
CA ILE A 110 -11.29 -14.25 -35.59
C ILE A 110 -10.46 -15.16 -36.49
N GLN A 111 -10.70 -16.48 -36.44
CA GLN A 111 -9.81 -17.45 -37.14
C GLN A 111 -9.86 -17.22 -38.66
N HIS A 112 -10.97 -16.75 -39.23
CA HIS A 112 -11.06 -16.42 -40.68
C HIS A 112 -10.98 -14.91 -40.94
N LYS A 113 -10.62 -14.07 -39.97
CA LYS A 113 -10.64 -12.60 -40.16
C LYS A 113 -9.39 -12.21 -40.97
N TYR A 114 -8.31 -12.98 -40.90
CA TYR A 114 -7.03 -12.72 -41.60
C TYR A 114 -6.62 -14.04 -42.23
N THR A 115 -5.91 -14.01 -43.36
CA THR A 115 -5.48 -15.21 -44.13
C THR A 115 -4.00 -15.49 -43.82
N ASN A 116 -3.15 -14.48 -43.71
CA ASN A 116 -1.69 -14.71 -43.51
C ASN A 116 -1.36 -14.34 -42.07
N TRP A 117 -1.51 -15.29 -41.15
CA TRP A 117 -1.32 -15.05 -39.71
C TRP A 117 0.14 -14.69 -39.40
N LYS A 118 1.12 -15.26 -40.07
CA LYS A 118 2.53 -14.97 -39.73
C LYS A 118 2.83 -13.51 -40.09
N ALA A 119 2.41 -13.05 -41.27
CA ALA A 119 2.66 -11.68 -41.74
C ALA A 119 1.92 -10.72 -40.80
N PHE A 120 0.67 -11.03 -40.49
CA PHE A 120 -0.13 -10.28 -39.48
C PHE A 120 0.67 -10.11 -38.18
N LEU A 121 1.17 -11.19 -37.58
CA LEU A 121 1.87 -11.10 -36.27
C LEU A 121 3.15 -10.29 -36.44
N VAL A 122 3.90 -10.51 -37.51
CA VAL A 122 5.17 -9.77 -37.75
C VAL A 122 4.89 -8.27 -37.80
N LYS A 123 3.83 -7.87 -38.49
CA LYS A 123 3.58 -6.41 -38.68
C LYS A 123 3.00 -5.77 -37.39
N ARG A 124 2.31 -6.56 -36.56
CA ARG A 124 1.80 -6.12 -35.25
C ARG A 124 2.91 -6.10 -34.18
N LEU A 125 3.85 -7.06 -34.20
CA LEU A 125 4.82 -7.24 -33.10
C LEU A 125 6.08 -6.41 -33.35
N THR A 126 6.39 -6.09 -34.60
CA THR A 126 7.59 -5.31 -34.95
C THR A 126 7.41 -3.94 -34.32
N GLY A 127 8.34 -3.57 -33.45
CA GLY A 127 8.32 -2.29 -32.74
C GLY A 127 7.37 -2.30 -31.56
N ALA A 128 6.71 -3.44 -31.21
CA ALA A 128 5.79 -3.49 -30.04
C ALA A 128 6.60 -3.43 -28.72
N LYS A 129 5.96 -3.05 -27.61
CA LYS A 129 6.48 -3.15 -26.23
C LYS A 129 5.93 -4.44 -25.62
N THR A 130 6.77 -5.22 -24.96
CA THR A 130 6.34 -6.41 -24.18
C THR A 130 6.96 -6.33 -22.77
N LEU A 131 6.81 -7.38 -21.99
CA LEU A 131 7.46 -7.45 -20.66
C LEU A 131 8.94 -7.65 -20.89
N PRO A 132 9.82 -7.11 -20.02
CA PRO A 132 11.20 -7.59 -19.94
C PRO A 132 11.35 -9.12 -19.78
N PRO A 133 12.49 -9.75 -20.18
CA PRO A 133 12.59 -11.21 -20.12
C PRO A 133 12.70 -11.74 -18.66
N ASP A 134 13.17 -10.90 -17.73
CA ASP A 134 13.31 -11.19 -16.27
C ASP A 134 12.08 -10.72 -15.45
N PHE A 135 11.02 -10.25 -16.10
CA PHE A 135 9.84 -9.66 -15.38
C PHE A 135 9.34 -10.66 -14.33
N SER A 136 9.16 -11.89 -14.78
CA SER A 136 8.68 -13.07 -14.03
C SER A 136 9.54 -13.26 -12.76
N GLN A 137 10.84 -13.10 -12.91
CA GLN A 137 11.84 -13.32 -11.85
C GLN A 137 11.75 -12.12 -10.91
N LYS A 138 11.58 -10.89 -11.43
CA LYS A 138 11.41 -9.68 -10.58
C LYS A 138 10.13 -9.90 -9.75
N VAL A 139 9.06 -10.45 -10.33
CA VAL A 139 7.78 -10.68 -9.60
C VAL A 139 8.04 -11.66 -8.45
N SER A 140 8.70 -12.77 -8.73
CA SER A 140 9.02 -13.80 -7.71
C SER A 140 9.87 -13.20 -6.58
N GLU A 141 10.88 -12.42 -6.93
CA GLU A 141 11.74 -11.75 -5.92
C GLU A 141 10.94 -10.75 -5.10
N SER A 142 9.95 -10.05 -5.68
CA SER A 142 9.18 -9.00 -4.96
C SER A 142 8.32 -9.67 -3.87
N MET A 143 8.20 -11.00 -3.86
CA MET A 143 7.37 -11.70 -2.85
C MET A 143 8.13 -12.71 -2.00
N GLN A 144 9.44 -12.52 -1.88
CA GLN A 144 10.33 -13.13 -0.85
C GLN A 144 10.52 -12.06 0.22
N TYR A 145 10.04 -12.28 1.43
CA TYR A 145 10.14 -11.24 2.47
C TYR A 145 11.26 -11.68 3.41
N PRO A 146 12.13 -10.75 3.86
CA PRO A 146 13.21 -11.13 4.77
C PRO A 146 12.71 -11.34 6.20
N PHE A 147 11.49 -10.89 6.54
CA PHE A 147 10.86 -11.25 7.85
C PHE A 147 10.36 -12.69 7.73
N LYS A 148 10.63 -13.48 8.77
CA LYS A 148 10.32 -14.92 8.85
C LYS A 148 9.55 -15.24 10.14
N PRO A 149 8.70 -16.28 10.11
CA PRO A 149 8.09 -16.79 11.34
C PRO A 149 9.20 -16.99 12.41
N CYS A 150 8.86 -16.75 13.68
CA CYS A 150 9.69 -16.99 14.89
C CYS A 150 10.56 -15.76 15.20
N MET A 151 10.61 -14.75 14.30
CA MET A 151 11.34 -13.47 14.55
C MET A 151 10.65 -12.64 15.64
N ARG A 152 11.43 -12.07 16.53
CA ARG A 152 10.88 -11.26 17.64
C ARG A 152 11.08 -9.78 17.33
N VAL A 153 10.08 -8.98 17.70
CA VAL A 153 10.13 -7.51 17.55
C VAL A 153 9.56 -6.90 18.82
N GLU A 154 9.86 -5.61 18.98
CA GLU A 154 9.17 -4.72 19.94
C GLU A 154 8.07 -4.01 19.20
N VAL A 155 6.88 -3.92 19.81
CA VAL A 155 5.73 -3.18 19.23
C VAL A 155 4.89 -2.65 20.39
N VAL A 156 4.16 -1.57 20.11
CA VAL A 156 3.21 -0.98 21.07
C VAL A 156 2.27 -2.10 21.53
N ASP A 157 1.95 -2.06 22.79
CA ASP A 157 0.90 -2.87 23.44
C ASP A 157 -0.45 -2.23 23.11
N LYS A 158 -1.26 -2.87 22.27
CA LYS A 158 -2.52 -2.26 21.77
C LYS A 158 -3.43 -1.95 22.97
N ARG A 159 -3.21 -2.55 24.14
CA ARG A 159 -4.10 -2.27 25.30
C ARG A 159 -3.47 -1.24 26.24
N HIS A 160 -2.22 -0.80 26.00
CA HIS A 160 -1.47 0.15 26.87
C HIS A 160 -0.43 0.90 26.00
N LEU A 161 -0.89 1.89 25.25
CA LEU A 161 -0.11 2.54 24.15
C LEU A 161 1.22 3.09 24.68
N CYS A 162 1.30 3.40 25.98
CA CYS A 162 2.48 4.06 26.54
C CYS A 162 3.66 3.08 26.58
N ARG A 163 3.44 1.78 26.41
CA ARG A 163 4.57 0.83 26.46
C ARG A 163 4.61 -0.06 25.22
N THR A 164 5.78 -0.62 25.01
CA THR A 164 5.96 -1.73 24.05
C THR A 164 5.97 -3.08 24.78
N ARG A 165 5.78 -4.15 24.02
CA ARG A 165 6.12 -5.51 24.51
C ARG A 165 6.65 -6.30 23.33
N VAL A 166 7.22 -7.44 23.62
CA VAL A 166 7.80 -8.29 22.57
C VAL A 166 6.67 -9.05 21.90
N ALA A 167 6.75 -9.19 20.58
CA ALA A 167 5.80 -9.98 19.77
C ALA A 167 6.60 -10.86 18.83
N VAL A 168 5.99 -11.96 18.41
CA VAL A 168 6.64 -12.92 17.48
C VAL A 168 5.83 -12.95 16.18
N VAL A 169 6.55 -13.03 15.06
CA VAL A 169 5.95 -13.31 13.73
C VAL A 169 5.42 -14.75 13.69
N GLU A 170 4.12 -14.89 13.46
CA GLU A 170 3.42 -16.17 13.24
C GLU A 170 3.43 -16.45 11.74
N SER A 171 3.14 -15.45 10.89
CA SER A 171 3.16 -15.62 9.42
C SER A 171 3.37 -14.30 8.70
N VAL A 172 3.76 -14.42 7.42
CA VAL A 172 4.10 -13.30 6.50
C VAL A 172 3.34 -13.51 5.20
N ILE A 173 2.47 -12.56 4.83
CA ILE A 173 1.65 -12.61 3.59
C ILE A 173 1.77 -11.24 2.93
N GLY A 174 2.39 -11.18 1.76
CA GLY A 174 2.57 -9.92 1.04
C GLY A 174 3.40 -8.91 1.81
N GLY A 175 4.29 -9.34 2.71
CA GLY A 175 5.09 -8.40 3.53
C GLY A 175 4.37 -7.92 4.78
N ARG A 176 3.15 -8.39 5.03
CA ARG A 176 2.35 -8.11 6.25
C ARG A 176 2.62 -9.21 7.29
N LEU A 177 2.91 -8.79 8.51
CA LEU A 177 3.21 -9.64 9.68
C LEU A 177 1.94 -9.90 10.48
N ARG A 178 1.61 -11.17 10.67
CA ARG A 178 0.71 -11.60 11.77
C ARG A 178 1.57 -11.84 13.02
N LEU A 179 1.34 -11.07 14.06
CA LEU A 179 2.15 -11.13 15.31
C LEU A 179 1.29 -11.69 16.44
N VAL A 180 1.95 -12.42 17.33
CA VAL A 180 1.38 -12.76 18.66
C VAL A 180 2.34 -12.12 19.69
N TYR A 181 1.78 -11.58 20.74
CA TYR A 181 2.56 -11.07 21.91
C TYR A 181 3.20 -12.28 22.59
N GLU A 182 4.46 -12.17 23.01
CA GLU A 182 5.10 -13.16 23.93
C GLU A 182 4.31 -13.16 25.23
N GLU A 183 4.06 -14.31 25.82
CA GLU A 183 3.23 -14.34 27.05
C GLU A 183 1.93 -13.55 26.79
N SER A 184 1.26 -13.75 25.66
CA SER A 184 -0.06 -13.15 25.35
C SER A 184 -1.14 -13.65 26.33
N GLU A 185 -2.19 -12.86 26.50
CA GLU A 185 -3.45 -13.26 27.16
C GLU A 185 -4.18 -14.28 26.28
N ASP A 186 -3.91 -14.35 24.98
CA ASP A 186 -4.58 -15.39 24.13
C ASP A 186 -3.47 -16.12 23.40
N ARG A 187 -3.86 -17.09 22.58
CA ARG A 187 -2.94 -18.04 21.92
C ARG A 187 -2.25 -17.38 20.72
N THR A 188 -2.97 -16.57 19.95
CA THR A 188 -2.53 -16.29 18.56
C THR A 188 -3.14 -14.99 18.05
N ASP A 189 -2.58 -14.44 16.95
CA ASP A 189 -3.31 -13.43 16.13
C ASP A 189 -3.65 -12.19 16.97
N ASP A 190 -2.62 -11.51 17.49
CA ASP A 190 -2.76 -10.29 18.34
C ASP A 190 -2.60 -8.99 17.54
N PHE A 191 -1.85 -8.97 16.44
CA PHE A 191 -1.45 -7.71 15.76
C PHE A 191 -1.06 -7.97 14.30
N TRP A 192 -1.53 -7.14 13.37
CA TRP A 192 -1.16 -7.19 11.93
C TRP A 192 -0.52 -5.84 11.58
N CYS A 193 0.63 -5.87 10.93
CA CYS A 193 1.26 -4.63 10.45
C CYS A 193 2.14 -5.01 9.26
N HIS A 194 2.50 -4.03 8.44
CA HIS A 194 3.51 -4.22 7.38
C HIS A 194 4.91 -4.39 7.99
N MET A 195 5.79 -5.12 7.32
CA MET A 195 7.17 -5.33 7.83
C MET A 195 7.94 -3.99 7.86
N HIS A 196 7.48 -2.99 7.12
CA HIS A 196 8.07 -1.62 7.11
C HIS A 196 7.24 -0.67 7.96
N SER A 197 6.31 -1.17 8.78
CA SER A 197 5.52 -0.34 9.70
C SER A 197 6.49 0.41 10.62
N PRO A 198 6.28 1.70 10.90
CA PRO A 198 7.07 2.39 11.92
C PRO A 198 6.74 1.93 13.35
N LEU A 199 5.73 1.06 13.53
CA LEU A 199 5.33 0.56 14.85
C LEU A 199 6.32 -0.50 15.38
N ILE A 200 7.08 -1.20 14.53
CA ILE A 200 7.88 -2.36 15.04
C ILE A 200 9.36 -1.96 15.15
N HIS A 201 10.07 -2.50 16.13
CA HIS A 201 11.49 -2.14 16.39
C HIS A 201 12.32 -3.36 16.80
N HIS A 202 13.64 -3.19 16.72
CA HIS A 202 14.62 -4.21 17.16
C HIS A 202 14.47 -4.37 18.68
N ILE A 203 14.78 -5.59 19.14
CA ILE A 203 14.92 -5.93 20.58
C ILE A 203 16.05 -5.06 21.14
N GLY A 204 15.75 -4.28 22.19
CA GLY A 204 16.65 -3.26 22.76
C GLY A 204 16.18 -1.84 22.46
N TRP A 205 15.31 -1.64 21.46
CA TRP A 205 14.90 -0.27 21.02
C TRP A 205 14.34 0.52 22.19
N SER A 206 13.33 -0.02 22.90
CA SER A 206 12.60 0.74 23.94
C SER A 206 13.56 1.17 25.08
N ARG A 207 14.42 0.27 25.53
CA ARG A 207 15.41 0.55 26.60
C ARG A 207 16.31 1.64 26.05
N SER A 208 16.72 1.51 24.80
CA SER A 208 17.70 2.44 24.19
C SER A 208 17.12 3.86 24.17
N ILE A 209 15.86 4.07 23.74
CA ILE A 209 15.36 5.46 23.51
C ILE A 209 14.65 6.01 24.74
N GLY A 210 14.35 5.20 25.76
CA GLY A 210 13.61 5.66 26.94
C GLY A 210 12.11 5.42 26.82
N HIS A 211 11.65 4.48 25.96
CA HIS A 211 10.23 4.13 25.83
C HIS A 211 9.90 3.10 26.92
N ARG A 212 8.79 3.26 27.65
CA ARG A 212 8.32 2.26 28.64
C ARG A 212 8.10 0.90 27.91
N PHE A 213 8.42 -0.22 28.56
CA PHE A 213 8.27 -1.62 28.04
C PHE A 213 7.81 -2.55 29.16
N LYS A 214 7.01 -3.56 28.82
CA LYS A 214 6.61 -4.65 29.73
C LYS A 214 7.88 -5.41 30.10
N ARG A 215 8.23 -5.56 31.39
CA ARG A 215 9.49 -6.25 31.77
C ARG A 215 9.37 -7.70 31.27
N SER A 216 10.36 -8.19 30.50
CA SER A 216 10.30 -9.49 29.77
C SER A 216 10.59 -10.64 30.73
N ASP A 217 10.53 -11.87 30.23
CA ASP A 223 11.26 -21.63 22.12
C ASP A 223 11.38 -21.72 20.59
N GLY A 224 12.59 -21.61 20.04
CA GLY A 224 12.85 -21.42 18.58
C GLY A 224 12.66 -19.98 18.10
N HIS A 225 12.26 -19.02 18.96
CA HIS A 225 12.10 -17.58 18.64
C HIS A 225 13.48 -16.91 18.61
N PHE A 226 13.75 -16.00 17.68
CA PHE A 226 15.06 -15.29 17.65
C PHE A 226 14.81 -13.81 17.29
N ASP A 227 15.70 -12.96 17.76
CA ASP A 227 15.65 -11.47 17.57
C ASP A 227 15.72 -11.20 16.07
N THR A 228 14.80 -10.39 15.55
CA THR A 228 14.88 -9.92 14.14
C THR A 228 16.24 -9.22 13.94
N PRO A 229 17.07 -9.60 12.94
CA PRO A 229 18.28 -8.81 12.63
C PRO A 229 17.96 -7.31 12.56
N PRO A 230 18.62 -6.43 13.34
CA PRO A 230 18.37 -4.98 13.24
C PRO A 230 18.34 -4.32 11.86
N HIS A 231 19.10 -4.82 10.90
CA HIS A 231 19.22 -4.22 9.54
C HIS A 231 17.88 -4.37 8.79
N LEU A 232 16.95 -5.21 9.24
CA LEU A 232 15.71 -5.47 8.47
C LEU A 232 14.68 -4.36 8.71
N PHE A 233 14.84 -3.57 9.76
CA PHE A 233 13.83 -2.55 10.17
C PHE A 233 13.94 -1.31 9.27
N ALA A 234 12.81 -0.67 8.97
CA ALA A 234 12.75 0.56 8.16
C ALA A 234 13.67 1.61 8.80
N LYS A 235 14.42 2.37 8.01
CA LYS A 235 15.28 3.51 8.44
C LYS A 235 14.38 4.62 9.03
N VAL A 236 14.79 5.28 10.10
CA VAL A 236 14.11 6.49 10.64
C VAL A 236 14.72 7.75 9.99
N LYS A 237 13.90 8.68 9.54
CA LYS A 237 14.37 9.94 8.90
C LYS A 237 15.11 10.76 9.98
N GLU A 238 16.18 11.45 9.60
CA GLU A 238 16.98 12.29 10.54
C GLU A 238 16.20 13.57 10.81
N VAL A 239 16.31 14.13 12.00
CA VAL A 239 15.53 15.35 12.34
C VAL A 239 16.34 16.60 11.99
N ASP A 240 15.67 17.75 11.93
CA ASP A 240 16.27 19.11 11.89
C ASP A 240 17.35 19.20 12.97
N GLN A 241 18.55 19.62 12.58
CA GLN A 241 19.73 19.63 13.50
C GLN A 241 20.03 21.07 13.98
N SER A 242 19.18 22.06 13.70
CA SER A 242 19.40 23.49 14.06
C SER A 242 19.82 23.61 15.54
N GLY A 243 19.15 22.90 16.45
CA GLY A 243 19.18 23.05 17.93
C GLY A 243 17.92 23.67 18.54
N GLU A 244 16.82 23.86 17.79
CA GLU A 244 15.47 24.15 18.34
C GLU A 244 14.65 22.86 18.29
N TRP A 245 13.97 22.51 19.37
CA TRP A 245 13.32 21.18 19.50
C TRP A 245 12.01 21.28 20.26
N PHE A 246 11.16 20.27 20.09
CA PHE A 246 9.96 20.06 20.90
C PHE A 246 10.34 20.12 22.38
N LYS A 247 9.45 20.67 23.19
CA LYS A 247 9.52 20.66 24.67
C LYS A 247 8.20 20.09 25.22
N GLU A 248 8.29 19.45 26.40
CA GLU A 248 7.14 18.95 27.18
C GLU A 248 6.15 20.11 27.38
N GLY A 249 4.87 19.85 27.13
CA GLY A 249 3.80 20.86 27.33
C GLY A 249 3.43 21.60 26.06
N MET A 250 4.27 21.59 25.04
CA MET A 250 3.92 22.24 23.74
C MET A 250 2.67 21.56 23.13
N LYS A 251 1.81 22.36 22.51
CA LYS A 251 0.55 21.88 21.92
C LYS A 251 0.70 21.67 20.41
N LEU A 252 -0.12 20.78 19.89
CA LEU A 252 -0.14 20.46 18.44
C LEU A 252 -1.43 19.70 18.12
N GLU A 253 -1.55 19.26 16.88
CA GLU A 253 -2.73 18.47 16.43
C GLU A 253 -2.18 17.12 16.02
N ALA A 254 -2.87 16.01 16.32
CA ALA A 254 -2.38 14.67 16.00
C ALA A 254 -3.53 13.74 15.65
N ILE A 255 -3.26 12.79 14.75
CA ILE A 255 -4.18 11.66 14.48
C ILE A 255 -4.25 10.81 15.74
N ASP A 256 -5.46 10.56 16.21
CA ASP A 256 -5.69 9.65 17.35
C ASP A 256 -5.34 8.23 16.92
N PRO A 257 -4.31 7.60 17.51
CA PRO A 257 -3.98 6.22 17.18
C PRO A 257 -5.09 5.19 17.48
N LEU A 258 -6.05 5.51 18.35
CA LEU A 258 -7.23 4.64 18.60
C LEU A 258 -8.45 5.08 17.77
N ASN A 259 -8.37 6.18 17.02
CA ASN A 259 -9.48 6.62 16.13
C ASN A 259 -8.87 7.32 14.91
N LEU A 260 -8.57 6.57 13.87
CA LEU A 260 -7.80 7.05 12.69
C LEU A 260 -8.67 7.97 11.83
N SER A 261 -9.94 8.18 12.18
CA SER A 261 -10.86 9.11 11.50
C SER A 261 -10.66 10.53 11.99
N THR A 262 -10.02 10.74 13.15
CA THR A 262 -10.02 12.04 13.87
C THR A 262 -8.60 12.57 13.99
N ILE A 263 -8.50 13.89 13.93
CA ILE A 263 -7.27 14.67 14.28
C ILE A 263 -7.67 15.44 15.53
N CYS A 264 -6.84 15.38 16.58
CA CYS A 264 -7.22 15.84 17.93
C CYS A 264 -6.23 16.87 18.45
N VAL A 265 -6.69 17.64 19.43
CA VAL A 265 -5.85 18.53 20.27
C VAL A 265 -4.90 17.64 21.09
N ALA A 266 -3.60 17.95 21.06
CA ALA A 266 -2.58 17.01 21.59
C ALA A 266 -1.47 17.82 22.26
N THR A 267 -0.70 17.14 23.10
CA THR A 267 0.34 17.76 23.94
C THR A 267 1.62 16.89 23.85
N ILE A 268 2.77 17.52 23.66
CA ILE A 268 4.07 16.82 23.88
C ILE A 268 4.16 16.49 25.36
N ARG A 269 4.15 15.21 25.74
CA ARG A 269 4.24 14.79 27.15
C ARG A 269 5.67 14.35 27.53
N LYS A 270 6.46 13.84 26.60
CA LYS A 270 7.85 13.38 26.92
C LYS A 270 8.69 13.42 25.64
N VAL A 271 9.88 14.01 25.74
CA VAL A 271 10.86 13.99 24.66
C VAL A 271 11.78 12.78 24.88
N LEU A 272 11.80 11.83 23.95
CA LEU A 272 12.70 10.65 24.04
C LEU A 272 13.92 10.88 23.16
N ALA A 273 14.81 9.90 23.09
CA ALA A 273 16.00 9.94 22.20
C ALA A 273 15.58 9.72 20.74
N ASP A 274 16.43 10.17 19.81
CA ASP A 274 16.41 9.82 18.37
C ASP A 274 15.15 10.38 17.73
N GLY A 275 14.63 11.48 18.29
CA GLY A 275 13.54 12.27 17.71
C GLY A 275 12.17 11.71 18.06
N PHE A 276 12.06 10.73 18.97
CA PHE A 276 10.75 10.14 19.35
C PHE A 276 10.11 11.03 20.42
N LEU A 277 8.78 11.08 20.39
CA LEU A 277 7.96 11.91 21.29
C LEU A 277 6.88 11.03 21.85
N MET A 278 6.64 11.14 23.17
CA MET A 278 5.39 10.65 23.81
C MET A 278 4.40 11.82 23.75
N ILE A 279 3.25 11.56 23.13
CA ILE A 279 2.19 12.57 22.90
C ILE A 279 0.92 12.10 23.59
N GLY A 280 0.20 13.02 24.24
CA GLY A 280 -1.11 12.70 24.86
C GLY A 280 -2.19 13.43 24.10
N ILE A 281 -3.33 12.79 23.89
CA ILE A 281 -4.59 13.46 23.44
C ILE A 281 -5.14 14.21 24.66
N ASP A 282 -5.26 15.53 24.60
CA ASP A 282 -5.81 16.29 25.76
C ASP A 282 -7.22 15.78 26.13
N GLY A 283 -7.51 15.75 27.44
CA GLY A 283 -8.80 15.35 28.06
C GLY A 283 -8.94 13.85 28.15
N SER A 284 -7.93 13.08 27.77
CA SER A 284 -7.96 11.60 27.76
C SER A 284 -6.54 11.06 27.99
N ASP A 288 -2.04 8.43 34.90
CA ASP A 288 -1.18 7.24 34.64
C ASP A 288 0.02 7.67 33.78
N GLY A 289 -0.24 8.47 32.74
CA GLY A 289 0.60 8.51 31.53
C GLY A 289 0.32 7.29 30.66
N SER A 290 -0.61 6.41 31.07
CA SER A 290 -0.94 5.09 30.43
C SER A 290 -1.42 5.31 28.97
N ASP A 291 -2.04 6.48 28.73
CA ASP A 291 -2.70 6.92 27.46
C ASP A 291 -1.68 7.27 26.35
N TRP A 292 -0.53 7.81 26.74
CA TRP A 292 0.46 8.43 25.82
C TRP A 292 0.88 7.47 24.72
N PHE A 293 1.12 7.99 23.52
CA PHE A 293 1.53 7.18 22.33
CA PHE A 293 1.53 7.18 22.34
C PHE A 293 2.77 7.83 21.71
N CYS A 294 3.63 7.01 21.13
CA CYS A 294 4.89 7.47 20.54
C CYS A 294 4.73 7.75 19.04
N TYR A 295 5.03 8.98 18.64
CA TYR A 295 5.19 9.43 17.24
C TYR A 295 6.62 9.92 17.10
N HIS A 296 7.29 9.57 15.99
CA HIS A 296 8.54 10.23 15.60
C HIS A 296 8.24 11.69 15.27
N ALA A 297 9.20 12.57 15.49
CA ALA A 297 9.04 14.02 15.23
C ALA A 297 8.83 14.22 13.74
N THR A 298 9.27 13.31 12.90
CA THR A 298 9.04 13.42 11.43
C THR A 298 7.75 12.71 11.02
N SER A 299 6.91 12.24 11.94
CA SER A 299 5.63 11.58 11.58
C SER A 299 4.77 12.55 10.79
N PRO A 300 4.16 12.14 9.67
CA PRO A 300 3.11 12.93 9.03
C PRO A 300 1.73 12.80 9.69
N SER A 301 1.65 12.19 10.88
CA SER A 301 0.41 12.05 11.71
C SER A 301 0.34 13.16 12.75
N ILE A 302 1.29 14.09 12.76
CA ILE A 302 1.26 15.25 13.69
C ILE A 302 1.37 16.52 12.87
N PHE A 303 0.76 17.59 13.37
CA PHE A 303 0.56 18.83 12.61
C PHE A 303 0.69 19.99 13.56
N PRO A 304 1.09 21.17 13.05
CA PRO A 304 1.07 22.38 13.88
C PRO A 304 -0.35 22.84 14.24
N VAL A 305 -0.46 23.59 15.33
CA VAL A 305 -1.71 24.32 15.67
C VAL A 305 -2.16 25.09 14.45
N GLY A 306 -3.44 24.93 14.08
CA GLY A 306 -4.11 25.69 13.00
C GLY A 306 -4.12 24.95 11.65
N PHE A 307 -3.41 23.82 11.59
CA PHE A 307 -3.43 22.95 10.40
C PHE A 307 -4.86 22.58 10.00
N CYS A 308 -5.68 22.09 10.93
CA CYS A 308 -7.06 21.61 10.63
C CYS A 308 -7.92 22.78 10.12
N GLU A 309 -7.91 23.89 10.82
CA GLU A 309 -8.73 25.08 10.49
C GLU A 309 -8.32 25.57 9.09
N ILE A 310 -7.02 25.74 8.82
CA ILE A 310 -6.55 26.31 7.52
C ILE A 310 -6.92 25.33 6.39
N ASN A 311 -6.99 24.05 6.67
CA ASN A 311 -7.14 23.04 5.60
C ASN A 311 -8.58 22.53 5.60
N MET A 312 -9.47 23.16 6.37
CA MET A 312 -10.92 22.85 6.40
C MET A 312 -11.10 21.39 6.80
N ILE A 313 -10.41 20.98 7.86
CA ILE A 313 -10.56 19.64 8.46
C ILE A 313 -11.22 19.83 9.81
N GLU A 314 -12.14 18.95 10.19
CA GLU A 314 -12.69 18.94 11.56
C GLU A 314 -11.59 18.54 12.53
N LEU A 315 -11.31 19.39 13.51
CA LEU A 315 -10.46 19.13 14.71
C LEU A 315 -11.34 18.56 15.84
N THR A 316 -10.94 17.45 16.49
CA THR A 316 -11.62 16.89 17.68
C THR A 316 -11.03 17.53 18.92
N PRO A 317 -11.90 18.24 19.68
CA PRO A 317 -11.48 18.96 20.87
C PRO A 317 -11.26 18.04 22.07
N PRO A 318 -10.68 18.54 23.17
CA PRO A 318 -10.42 17.67 24.33
C PRO A 318 -11.73 17.11 24.93
N ARG A 319 -11.76 15.81 25.23
CA ARG A 319 -12.93 15.13 25.86
C ARG A 319 -13.21 15.89 27.15
N GLY A 320 -14.45 16.36 27.33
CA GLY A 320 -14.88 17.11 28.52
C GLY A 320 -14.67 18.62 28.44
N TYR A 321 -13.99 19.13 27.41
CA TYR A 321 -13.83 20.61 27.27
C TYR A 321 -15.17 21.16 26.78
N THR A 322 -15.67 22.24 27.38
CA THR A 322 -17.04 22.76 27.17
C THR A 322 -17.06 24.10 26.44
N LYS A 323 -15.92 24.79 26.24
CA LYS A 323 -15.93 26.07 25.47
C LYS A 323 -15.84 25.71 23.97
N LEU A 324 -16.97 25.33 23.39
CA LEU A 324 -17.09 24.83 21.99
C LEU A 324 -17.94 25.78 21.15
N PRO A 325 -17.66 25.97 19.84
CA PRO A 325 -16.59 25.25 19.12
C PRO A 325 -15.18 25.62 19.62
N PHE A 326 -14.22 24.67 19.55
CA PHE A 326 -12.90 24.81 20.21
C PHE A 326 -12.16 25.97 19.54
N LYS A 327 -11.59 26.91 20.29
CA LYS A 327 -10.71 27.97 19.73
C LYS A 327 -9.30 27.86 20.36
N TRP A 328 -8.28 27.63 19.52
CA TRP A 328 -6.88 27.45 19.98
C TRP A 328 -6.39 28.64 20.79
N PHE A 329 -6.65 29.89 20.36
CA PHE A 329 -6.13 31.12 21.05
C PHE A 329 -6.57 31.03 22.53
N ASP A 330 -7.83 30.70 22.76
CA ASP A 330 -8.40 30.64 24.13
C ASP A 330 -7.81 29.46 24.88
N TYR A 331 -7.70 28.29 24.25
CA TYR A 331 -7.22 27.09 24.97
C TYR A 331 -5.75 27.31 25.38
N LEU A 332 -4.97 28.02 24.57
CA LEU A 332 -3.53 28.27 24.88
C LEU A 332 -3.44 29.16 26.12
N ARG A 333 -4.23 30.24 26.15
CA ARG A 333 -4.30 31.19 27.29
C ARG A 333 -4.83 30.45 28.54
N GLU A 334 -5.96 29.75 28.43
CA GLU A 334 -6.57 29.01 29.57
C GLU A 334 -5.52 28.09 30.17
N THR A 335 -4.74 27.37 29.37
CA THR A 335 -3.84 26.30 29.86
C THR A 335 -2.43 26.84 30.09
N GLY A 336 -2.19 28.13 29.82
CA GLY A 336 -0.86 28.76 29.95
C GLY A 336 0.20 28.00 29.16
N SER A 337 -0.08 27.65 27.91
CA SER A 337 0.79 26.75 27.11
C SER A 337 1.11 27.43 25.78
N ILE A 338 2.08 26.94 25.03
CA ILE A 338 2.44 27.47 23.69
C ILE A 338 2.29 26.36 22.64
N ALA A 339 2.12 26.76 21.39
CA ALA A 339 2.07 25.87 20.22
C ALA A 339 3.49 25.42 19.94
N ALA A 340 3.69 24.15 19.63
CA ALA A 340 4.93 23.71 18.96
C ALA A 340 5.15 24.59 17.73
N PRO A 341 6.38 25.13 17.53
CA PRO A 341 6.72 25.94 16.35
C PRO A 341 6.51 25.17 15.03
N VAL A 342 5.82 25.83 14.12
CA VAL A 342 5.48 25.31 12.77
C VAL A 342 6.72 24.75 12.06
N LYS A 343 7.87 25.39 12.19
CA LYS A 343 9.13 24.97 11.52
C LYS A 343 9.48 23.51 11.87
N LEU A 344 9.20 23.06 13.10
CA LEU A 344 9.46 21.66 13.54
C LEU A 344 8.65 20.65 12.72
N PHE A 345 7.61 21.04 11.97
CA PHE A 345 6.79 20.09 11.17
C PHE A 345 7.03 20.24 9.66
N ASN A 346 7.95 21.10 9.18
CA ASN A 346 8.19 21.23 7.71
C ASN A 346 8.62 19.86 7.15
N LYS A 347 8.09 19.46 6.01
CA LYS A 347 8.48 18.18 5.40
C LYS A 347 8.14 18.25 3.91
N ASP A 348 8.70 17.34 3.15
CA ASP A 348 8.42 17.19 1.70
C ASP A 348 7.01 16.65 1.60
N VAL A 349 6.36 17.10 0.57
CA VAL A 349 5.13 16.52 0.02
C VAL A 349 5.54 15.85 -1.28
N PRO A 350 5.72 14.52 -1.30
CA PRO A 350 6.08 13.84 -2.54
C PRO A 350 5.02 14.08 -3.60
N ASN A 351 5.41 13.99 -4.86
CA ASN A 351 4.46 14.08 -5.99
C ASN A 351 4.09 12.62 -6.32
N HIS A 352 3.20 11.97 -5.57
CA HIS A 352 2.93 10.51 -5.75
C HIS A 352 1.79 10.25 -6.74
N GLY A 353 1.12 11.31 -7.19
CA GLY A 353 0.14 11.24 -8.29
C GLY A 353 -1.16 10.57 -7.90
N PHE A 354 -1.50 10.50 -6.62
CA PHE A 354 -2.88 10.16 -6.21
C PHE A 354 -3.82 11.26 -6.66
N ARG A 355 -5.05 10.89 -7.00
CA ARG A 355 -6.13 11.82 -7.34
C ARG A 355 -7.42 11.39 -6.63
N VAL A 356 -8.22 12.35 -6.17
CA VAL A 356 -9.56 12.09 -5.59
C VAL A 356 -10.36 11.19 -6.57
N GLY A 357 -11.00 10.13 -6.07
CA GLY A 357 -11.83 9.17 -6.84
C GLY A 357 -11.09 7.87 -7.13
N MET A 358 -9.75 7.84 -7.01
CA MET A 358 -8.96 6.64 -7.31
C MET A 358 -9.26 5.51 -6.29
N LYS A 359 -9.35 4.32 -6.83
CA LYS A 359 -9.56 3.02 -6.15
C LYS A 359 -8.22 2.41 -5.75
N LEU A 360 -8.24 1.74 -4.61
CA LEU A 360 -7.06 1.06 -4.05
C LEU A 360 -7.53 0.03 -3.02
N GLU A 361 -6.59 -0.74 -2.51
CA GLU A 361 -6.86 -1.69 -1.43
C GLU A 361 -6.27 -1.08 -0.17
N ALA A 362 -7.11 -0.90 0.84
CA ALA A 362 -6.70 -0.22 2.08
C ALA A 362 -6.88 -1.13 3.29
N VAL A 363 -5.87 -1.13 4.16
CA VAL A 363 -5.96 -1.67 5.55
C VAL A 363 -7.02 -0.84 6.29
N ASP A 364 -7.96 -1.52 6.93
CA ASP A 364 -8.82 -0.88 7.97
C ASP A 364 -7.96 -0.69 9.21
N LEU A 365 -7.50 0.52 9.50
CA LEU A 365 -6.52 0.71 10.59
C LEU A 365 -7.21 0.54 11.95
N MET A 366 -8.54 0.60 12.05
CA MET A 366 -9.28 0.20 13.29
C MET A 366 -9.40 -1.33 13.41
N GLU A 367 -9.16 -2.10 12.33
CA GLU A 367 -9.16 -3.58 12.41
C GLU A 367 -8.22 -4.09 11.32
N PRO A 368 -6.91 -4.03 11.58
CA PRO A 368 -5.88 -4.11 10.54
C PRO A 368 -5.75 -5.46 9.83
N ARG A 369 -6.39 -6.50 10.37
CA ARG A 369 -6.51 -7.81 9.67
C ARG A 369 -7.24 -7.57 8.35
N LEU A 370 -8.21 -6.65 8.30
CA LEU A 370 -9.04 -6.43 7.10
C LEU A 370 -8.32 -5.52 6.08
N ILE A 371 -8.20 -5.98 4.83
CA ILE A 371 -7.82 -5.11 3.68
C ILE A 371 -9.02 -5.07 2.73
N CYS A 372 -9.39 -3.86 2.33
CA CYS A 372 -10.73 -3.51 1.82
C CYS A 372 -10.64 -2.75 0.47
N VAL A 373 -11.73 -2.84 -0.28
CA VAL A 373 -12.03 -1.97 -1.43
C VAL A 373 -12.23 -0.55 -0.93
N ALA A 374 -11.43 0.39 -1.43
CA ALA A 374 -11.39 1.75 -0.89
C ALA A 374 -11.10 2.79 -1.98
N THR A 375 -11.42 4.03 -1.65
CA THR A 375 -11.33 5.19 -2.55
C THR A 375 -10.53 6.28 -1.82
N VAL A 376 -9.68 6.99 -2.55
CA VAL A 376 -9.14 8.29 -2.06
C VAL A 376 -10.21 9.36 -2.28
N THR A 377 -10.69 10.03 -1.24
CA THR A 377 -11.81 11.02 -1.37
C THR A 377 -11.38 12.44 -1.07
N ARG A 378 -10.21 12.66 -0.49
CA ARG A 378 -9.63 14.00 -0.26
C ARG A 378 -8.12 13.84 -0.21
N ILE A 379 -7.41 14.87 -0.64
CA ILE A 379 -5.92 14.94 -0.57
C ILE A 379 -5.58 16.30 0.02
N ILE A 380 -4.78 16.33 1.07
CA ILE A 380 -4.36 17.58 1.74
C ILE A 380 -2.87 17.43 1.98
N HIS A 381 -2.09 17.86 0.99
CA HIS A 381 -0.62 17.65 0.93
C HIS A 381 -0.36 16.13 0.98
N ARG A 382 0.33 15.67 2.02
CA ARG A 382 0.70 14.24 2.25
C ARG A 382 -0.53 13.38 2.62
N LEU A 383 -1.58 13.97 3.18
CA LEU A 383 -2.68 13.27 3.92
C LEU A 383 -3.72 12.82 2.90
N LEU A 384 -4.06 11.54 2.85
CA LEU A 384 -5.21 11.03 2.08
C LEU A 384 -6.35 10.74 3.03
N ARG A 385 -7.56 11.13 2.66
CA ARG A 385 -8.80 10.66 3.29
C ARG A 385 -9.22 9.39 2.55
N ILE A 386 -9.24 8.25 3.25
CA ILE A 386 -9.54 6.90 2.65
C ILE A 386 -10.97 6.50 3.03
N HIS A 387 -11.82 6.28 2.01
CA HIS A 387 -13.23 5.88 2.15
C HIS A 387 -13.31 4.37 1.91
N PHE A 388 -14.05 3.65 2.76
CA PHE A 388 -14.33 2.19 2.61
C PHE A 388 -15.65 2.04 1.82
N ASP A 389 -15.57 1.76 0.51
CA ASP A 389 -16.76 1.69 -0.38
C ASP A 389 -17.88 0.88 0.31
N GLY A 390 -19.08 1.44 0.31
CA GLY A 390 -20.28 0.83 0.87
C GLY A 390 -20.50 1.21 2.34
N TRP A 391 -19.51 1.80 3.04
CA TRP A 391 -19.68 2.24 4.44
C TRP A 391 -19.86 3.74 4.50
N GLU A 392 -20.36 4.23 5.63
CA GLU A 392 -20.64 5.67 5.86
C GLU A 392 -19.29 6.41 5.97
N GLU A 393 -19.31 7.70 5.62
CA GLU A 393 -18.14 8.61 5.57
C GLU A 393 -17.58 8.77 6.99
N GLU A 394 -18.39 8.54 8.02
CA GLU A 394 -17.90 8.75 9.40
C GLU A 394 -16.76 7.76 9.68
N TYR A 395 -16.59 6.69 8.88
CA TYR A 395 -15.59 5.62 9.09
C TYR A 395 -14.37 5.83 8.19
N ASP A 396 -14.38 6.90 7.38
CA ASP A 396 -13.20 7.32 6.60
C ASP A 396 -12.00 7.55 7.54
N GLN A 397 -10.79 7.21 7.08
CA GLN A 397 -9.54 7.31 7.87
C GLN A 397 -8.55 8.29 7.22
N TRP A 398 -7.78 8.95 8.08
CA TRP A 398 -6.64 9.76 7.63
C TRP A 398 -5.41 8.87 7.50
N VAL A 399 -4.80 8.84 6.31
CA VAL A 399 -3.66 7.97 5.98
C VAL A 399 -2.63 8.77 5.19
N ASP A 400 -1.36 8.64 5.56
CA ASP A 400 -0.25 9.29 4.82
C ASP A 400 -0.12 8.66 3.42
N CYS A 401 0.23 9.46 2.43
CA CYS A 401 0.42 9.04 1.03
C CYS A 401 1.55 7.99 0.92
N GLU A 402 2.50 7.93 1.83
CA GLU A 402 3.55 6.89 1.73
C GLU A 402 3.28 5.78 2.75
N SER A 403 2.10 5.70 3.34
CA SER A 403 1.79 4.61 4.32
C SER A 403 2.02 3.25 3.66
N PRO A 404 2.63 2.28 4.39
CA PRO A 404 2.73 0.91 3.87
C PRO A 404 1.45 0.08 4.02
N ASP A 405 0.35 0.71 4.46
CA ASP A 405 -0.97 0.09 4.65
C ASP A 405 -1.93 0.36 3.47
N LEU A 406 -1.43 0.92 2.37
CA LEU A 406 -2.22 1.21 1.16
C LEU A 406 -1.60 0.38 0.04
N TYR A 407 -2.43 -0.28 -0.75
CA TYR A 407 -1.96 -1.18 -1.81
C TYR A 407 -2.69 -0.86 -3.11
N PRO A 408 -2.04 -1.18 -4.25
CA PRO A 408 -2.71 -1.10 -5.55
C PRO A 408 -3.84 -2.13 -5.69
N VAL A 409 -4.87 -1.76 -6.43
CA VAL A 409 -5.86 -2.74 -6.95
C VAL A 409 -5.12 -3.99 -7.42
N GLY A 410 -5.51 -5.16 -6.90
CA GLY A 410 -4.95 -6.44 -7.35
C GLY A 410 -3.91 -6.96 -6.42
N TRP A 411 -3.52 -6.18 -5.39
CA TRP A 411 -2.45 -6.60 -4.43
C TRP A 411 -2.90 -7.86 -3.65
N CYS A 412 -4.13 -7.91 -3.15
CA CYS A 412 -4.64 -9.10 -2.40
C CYS A 412 -4.55 -10.36 -3.28
N GLN A 413 -4.97 -10.25 -4.55
CA GLN A 413 -4.92 -11.38 -5.51
C GLN A 413 -3.46 -11.80 -5.73
N LEU A 414 -2.57 -10.85 -6.04
CA LEU A 414 -1.12 -11.14 -6.19
C LEU A 414 -0.58 -11.93 -4.99
N THR A 415 -0.84 -11.50 -3.75
CA THR A 415 -0.11 -11.97 -2.54
C THR A 415 -0.84 -13.14 -1.88
N GLY A 416 -2.09 -13.39 -2.28
CA GLY A 416 -2.93 -14.39 -1.59
C GLY A 416 -3.57 -13.86 -0.31
N TYR A 417 -3.61 -12.55 -0.07
CA TYR A 417 -4.34 -11.97 1.09
C TYR A 417 -5.82 -11.90 0.72
N GLN A 418 -6.73 -12.11 1.67
CA GLN A 418 -8.19 -11.98 1.42
C GLN A 418 -8.59 -10.49 1.29
N LEU A 419 -9.31 -10.16 0.24
CA LEU A 419 -9.87 -8.83 0.03
C LEU A 419 -11.30 -8.74 0.60
N GLN A 420 -11.61 -7.74 1.42
CA GLN A 420 -13.01 -7.40 1.81
C GLN A 420 -13.67 -6.60 0.69
N PRO A 421 -14.79 -7.13 0.13
CA PRO A 421 -15.54 -6.41 -0.89
C PRO A 421 -16.33 -5.26 -0.28
N PRO A 422 -16.88 -4.37 -1.11
CA PRO A 422 -17.74 -3.31 -0.61
C PRO A 422 -18.96 -3.88 0.14
N ALA A 423 -19.43 -3.17 1.15
CA ALA A 423 -20.65 -3.53 1.92
C ALA A 423 -21.79 -3.71 0.92
N SER A 424 -22.00 -2.71 0.04
N LYS A 448 12.75 -0.32 -24.70
CA LYS A 448 13.27 -1.30 -25.70
C LYS A 448 12.10 -2.07 -26.30
N THR A 449 11.75 -1.78 -27.55
CA THR A 449 10.69 -2.48 -28.29
C THR A 449 11.24 -3.72 -29.01
N LEU A 450 10.37 -4.66 -29.41
CA LEU A 450 10.76 -5.80 -30.29
C LEU A 450 11.25 -5.26 -31.64
N ASP A 451 12.30 -5.85 -32.20
CA ASP A 451 12.75 -5.60 -33.59
C ASP A 451 12.10 -6.65 -34.50
N SER A 452 12.34 -6.63 -35.82
CA SER A 452 11.64 -7.55 -36.74
C SER A 452 12.13 -8.98 -36.50
N ALA A 453 13.40 -9.19 -36.14
CA ALA A 453 13.90 -10.54 -35.82
C ALA A 453 13.11 -11.09 -34.62
N SER A 454 12.82 -10.28 -33.60
CA SER A 454 12.03 -10.73 -32.42
C SER A 454 10.61 -11.03 -32.85
N ALA A 455 10.04 -10.18 -33.71
CA ALA A 455 8.66 -10.38 -34.19
C ALA A 455 8.57 -11.70 -34.98
N GLN A 456 9.55 -11.95 -35.85
CA GLN A 456 9.66 -13.18 -36.67
C GLN A 456 9.85 -14.39 -35.76
N PHE A 457 10.69 -14.28 -34.74
CA PHE A 457 10.92 -15.37 -33.76
C PHE A 457 9.59 -15.74 -33.08
N ALA A 458 8.92 -14.75 -32.48
CA ALA A 458 7.63 -14.92 -31.78
C ALA A 458 6.60 -15.61 -32.70
N ALA A 459 6.55 -15.17 -33.96
CA ALA A 459 5.56 -15.61 -34.95
C ALA A 459 5.83 -17.05 -35.41
N SER A 460 7.04 -17.57 -35.21
CA SER A 460 7.40 -18.96 -35.61
C SER A 460 6.57 -19.99 -34.82
N ALA A 461 6.00 -19.64 -33.64
CA ALA A 461 5.19 -20.53 -32.78
C ALA A 461 3.76 -20.66 -33.29
N LEU A 462 3.41 -19.99 -34.39
CA LEU A 462 2.03 -19.95 -34.89
C LEU A 462 1.67 -21.34 -35.39
N VAL A 463 0.55 -21.89 -34.90
CA VAL A 463 -0.11 -23.12 -35.44
C VAL A 463 -1.55 -22.70 -35.79
N THR A 464 -1.96 -22.85 -37.04
CA THR A 464 -3.37 -22.65 -37.48
C THR A 464 -4.19 -23.93 -37.34
N SER A 465 -5.51 -23.81 -37.26
UNK UNX B . -16.83 6.43 -3.29
UNK UNX C . -10.73 -9.08 -8.06
UNK UNX D . -10.57 -8.71 -11.67
UNK UNX E . 15.63 13.49 20.27
UNK UNX F . 4.03 7.21 5.79
UNK UNX G . 5.60 0.67 18.88
UNK UNX H . 6.72 2.69 17.32
UNK UNX I . 5.97 7.53 14.09
UNK UNX J . 4.10 8.06 12.10
UNK UNX K . -5.77 -13.23 4.52
UNK UNX L . -7.12 -15.60 10.48
UNK UNX M . -1.57 -2.09 9.60
UNK UNX N . -0.07 12.27 -4.08
UNK UNX O . -17.18 -10.40 -30.00
UNK UNX P . -3.91 -5.77 -40.14
UNK UNX Q . -17.26 -16.42 -29.63
UNK UNX R . 4.45 -17.37 6.70
UNK UNX S . -2.46 -0.04 18.31
UNK UNX T . 1.96 -16.34 23.69
UNK UNX U . 0.22 -19.37 12.64
UNK UNX V . 19.74 -1.01 21.31
UNK UNX W . 9.46 0.56 31.33
UNK UNX X . 10.96 19.15 27.58
UNK UNX Y . -12.99 16.75 8.28
UNK UNX Z . -21.11 25.33 23.96
UNK UNX AA . -14.44 11.73 5.06
UNK UNX BA . 2.22 -0.35 0.34
UNK UNX CA . -1.23 -6.02 -39.42
UNK UNX DA . -3.08 19.98 -1.91
UNK UNX EA . 11.76 -13.83 -15.77
UNK UNX FA . -15.02 22.20 18.41
UNK UNX GA . 18.53 -6.37 18.57
UNK UNX HA . 2.94 1.85 -0.36
UNK UNX IA . 9.59 -4.36 -25.23
UNK UNX JA . 12.63 24.72 21.72
UNK UNX KA . 3.58 4.22 21.91
UNK UNX LA . 8.31 13.11 7.14
UNK UNX MA . -9.07 17.00 -2.11
NA NA NA . -5.57 -12.77 19.17
C1 GOL OA . 13.45 -3.26 26.02
O1 GOL OA . 14.09 -2.65 24.89
C2 GOL OA . 14.12 -4.56 26.39
O2 GOL OA . 15.49 -4.33 26.73
C3 GOL OA . 14.06 -5.63 25.31
O3 GOL OA . 12.73 -5.92 24.86
#